data_8D12
#
_entry.id   8D12
#
_cell.length_a   115.777
_cell.length_b   64.725
_cell.length_c   75.052
_cell.angle_alpha   90.000
_cell.angle_beta   126.208
_cell.angle_gamma   90.000
#
_symmetry.space_group_name_H-M   'C 1 2 1'
#
loop_
_entity.id
_entity.type
_entity.pdbx_description
1 polymer 'Thiol:disulfide interchange protein DsbA'
2 non-polymer 1-methyl-1H-pyrazol-4-amine
3 non-polymer 'COPPER (II) ION'
4 water water
#
_entity_poly.entity_id   1
_entity_poly.type   'polypeptide(L)'
_entity_poly.pdbx_seq_one_letter_code
;AQYEDGKQYTTLEKPVAGAPQVLEFFSFFCPHCYQFEEVLHISDNVKKKLPEGVKMTKYHVNFMGGDLGKDLTQAWAVAM
ALGVEDKVTVPLFEGVQKTQTIRSASDIRDVFINAGIKGEEYDAAWNSFVVKSLVAQQEKAAADVQLRGVPAMFVNGKYQ
LNPQGMDTSNMDVFVQQYADTVKYLSEKK
;
_entity_poly.pdbx_strand_id   A,B
#
loop_
_chem_comp.id
_chem_comp.type
_chem_comp.name
_chem_comp.formula
CU non-polymer 'COPPER (II) ION' 'Cu 2'
Q3F non-polymer 1-methyl-1H-pyrazol-4-amine 'C4 H7 N3'
#
# COMPACT_ATOMS: atom_id res chain seq x y z
N ALA A 1 -4.81 -27.62 19.02
CA ALA A 1 -3.55 -26.94 19.29
C ALA A 1 -3.69 -25.44 19.10
N GLN A 2 -2.82 -24.67 19.77
CA GLN A 2 -2.84 -23.23 19.56
C GLN A 2 -2.32 -22.85 18.18
N TYR A 3 -1.37 -23.61 17.65
CA TYR A 3 -0.87 -23.46 16.29
C TYR A 3 -1.28 -24.71 15.53
N GLU A 4 -2.00 -24.54 14.42
CA GLU A 4 -2.56 -25.70 13.76
C GLU A 4 -2.17 -25.71 12.29
N ASP A 5 -1.66 -26.85 11.82
CA ASP A 5 -1.33 -27.02 10.42
C ASP A 5 -2.58 -26.80 9.59
N GLY A 6 -2.49 -25.92 8.61
CA GLY A 6 -3.63 -25.55 7.82
C GLY A 6 -4.30 -24.27 8.28
N LYS A 7 -3.97 -23.76 9.47
CA LYS A 7 -4.57 -22.54 9.96
C LYS A 7 -3.56 -21.38 9.93
N GLN A 8 -2.72 -21.26 10.96
CA GLN A 8 -1.72 -20.20 11.02
C GLN A 8 -0.51 -20.47 10.14
N TYR A 9 -0.33 -21.72 9.70
CA TYR A 9 0.74 -22.10 8.80
C TYR A 9 0.25 -23.28 7.99
N THR A 10 0.96 -23.55 6.91
CA THR A 10 0.75 -24.79 6.17
C THR A 10 2.07 -25.51 6.03
N THR A 11 1.99 -26.83 5.89
CA THR A 11 3.19 -27.65 5.73
C THR A 11 3.29 -27.98 4.26
N LEU A 12 4.46 -27.72 3.68
CA LEU A 12 4.60 -27.87 2.24
C LEU A 12 4.45 -29.33 1.86
N GLU A 13 3.59 -29.60 0.87
CA GLU A 13 3.37 -30.97 0.40
C GLU A 13 4.67 -31.61 -0.07
N LYS A 14 5.53 -30.83 -0.72
CA LYS A 14 6.82 -31.30 -1.21
C LYS A 14 7.88 -30.45 -0.51
N PRO A 15 8.32 -30.87 0.68
CA PRO A 15 9.33 -30.09 1.42
C PRO A 15 10.59 -29.85 0.61
N VAL A 16 11.20 -28.69 0.85
CA VAL A 16 12.40 -28.25 0.13
C VAL A 16 13.60 -28.43 1.05
N ALA A 17 14.51 -29.33 0.67
CA ALA A 17 15.70 -29.60 1.46
C ALA A 17 16.78 -28.55 1.21
N GLY A 18 17.54 -28.25 2.28
CA GLY A 18 18.62 -27.29 2.20
C GLY A 18 18.21 -25.84 2.08
N ALA A 19 16.94 -25.53 2.31
CA ALA A 19 16.43 -24.19 2.13
C ALA A 19 16.91 -23.28 3.27
N PRO A 20 16.88 -21.96 3.07
CA PRO A 20 17.22 -21.05 4.18
C PRO A 20 16.26 -21.24 5.35
N GLN A 21 16.75 -20.92 6.56
CA GLN A 21 15.97 -21.12 7.78
C GLN A 21 14.69 -20.29 7.77
N VAL A 22 14.80 -19.01 7.47
CA VAL A 22 13.64 -18.12 7.37
C VAL A 22 13.80 -17.42 6.03
N LEU A 23 12.85 -17.63 5.13
CA LEU A 23 12.94 -17.18 3.75
C LEU A 23 11.70 -16.37 3.41
N GLU A 24 11.88 -15.08 3.12
N GLU A 24 11.91 -15.08 3.15
CA GLU A 24 10.79 -14.18 2.79
CA GLU A 24 10.87 -14.16 2.74
C GLU A 24 10.89 -13.74 1.34
C GLU A 24 10.93 -13.93 1.24
N PHE A 25 9.77 -13.73 0.63
CA PHE A 25 9.67 -13.26 -0.74
C PHE A 25 8.81 -12.01 -0.81
N PHE A 26 9.18 -11.09 -1.71
CA PHE A 26 8.42 -9.86 -1.85
C PHE A 26 8.58 -9.33 -3.28
N SER A 27 7.81 -8.29 -3.59
CA SER A 27 8.00 -7.50 -4.79
C SER A 27 7.84 -6.04 -4.42
N PHE A 28 8.67 -5.20 -5.03
CA PHE A 28 8.49 -3.78 -4.79
C PHE A 28 7.20 -3.26 -5.43
N PHE A 29 6.55 -4.04 -6.28
CA PHE A 29 5.23 -3.71 -6.84
C PHE A 29 4.06 -4.17 -5.95
N CYS A 30 4.35 -4.92 -4.89
CA CYS A 30 3.31 -5.63 -4.17
C CYS A 30 2.76 -4.73 -3.06
N PRO A 31 1.48 -4.35 -3.10
CA PRO A 31 0.97 -3.42 -2.08
C PRO A 31 1.04 -3.99 -0.69
N HIS A 32 0.70 -5.27 -0.49
CA HIS A 32 0.81 -5.81 0.86
C HIS A 32 2.26 -5.88 1.31
N CYS A 33 3.19 -6.05 0.36
CA CYS A 33 4.61 -6.05 0.69
C CYS A 33 5.05 -4.69 1.18
N TYR A 34 4.50 -3.63 0.58
CA TYR A 34 4.77 -2.28 1.07
C TYR A 34 4.29 -2.13 2.52
N GLN A 35 3.07 -2.59 2.80
CA GLN A 35 2.54 -2.57 4.17
C GLN A 35 3.44 -3.40 5.09
N PHE A 36 3.78 -4.62 4.65
CA PHE A 36 4.58 -5.52 5.48
C PHE A 36 5.89 -4.88 5.88
N GLU A 37 6.55 -4.22 4.93
N GLU A 37 6.59 -4.25 4.94
CA GLU A 37 7.88 -3.71 5.16
CA GLU A 37 7.90 -3.72 5.30
C GLU A 37 7.88 -2.30 5.69
C GLU A 37 7.82 -2.29 5.79
N GLU A 38 7.06 -1.43 5.11
CA GLU A 38 7.11 -0.01 5.44
C GLU A 38 6.28 0.38 6.66
N VAL A 39 5.21 -0.35 6.97
CA VAL A 39 4.27 0.03 8.02
C VAL A 39 4.34 -0.94 9.20
N LEU A 40 4.30 -2.25 8.91
CA LEU A 40 4.34 -3.29 9.94
C LEU A 40 5.75 -3.69 10.35
N HIS A 41 6.73 -3.55 9.45
CA HIS A 41 8.14 -3.93 9.72
C HIS A 41 8.25 -5.39 10.15
N ILE A 42 7.65 -6.26 9.33
CA ILE A 42 7.60 -7.70 9.65
C ILE A 42 9.00 -8.29 9.81
N SER A 43 9.89 -8.08 8.82
CA SER A 43 11.20 -8.73 8.89
C SER A 43 11.95 -8.36 10.16
N ASP A 44 11.95 -7.07 10.53
N ASP A 44 11.95 -7.08 10.53
CA ASP A 44 12.68 -6.64 11.72
CA ASP A 44 12.68 -6.64 11.71
C ASP A 44 12.12 -7.28 12.98
C ASP A 44 12.12 -7.28 12.98
N ASN A 45 10.79 -7.35 13.08
CA ASN A 45 10.19 -7.94 14.27
C ASN A 45 10.34 -9.44 14.30
N VAL A 46 10.32 -10.11 13.15
CA VAL A 46 10.64 -11.53 13.13
C VAL A 46 12.07 -11.76 13.61
N LYS A 47 13.01 -10.95 13.11
CA LYS A 47 14.42 -11.09 13.48
C LYS A 47 14.63 -10.93 14.99
N LYS A 48 13.93 -9.98 15.60
CA LYS A 48 14.10 -9.71 17.02
C LYS A 48 13.63 -10.88 17.91
N LYS A 49 12.75 -11.74 17.39
CA LYS A 49 12.22 -12.86 18.16
C LYS A 49 12.93 -14.17 17.85
N LEU A 50 13.89 -14.18 16.92
CA LEU A 50 14.41 -15.46 16.45
C LEU A 50 15.60 -15.93 17.27
N PRO A 51 15.74 -17.24 17.41
CA PRO A 51 16.82 -17.80 18.23
C PRO A 51 18.19 -17.57 17.61
N GLU A 52 19.21 -17.84 18.42
CA GLU A 52 20.57 -17.80 17.94
C GLU A 52 20.77 -18.87 16.87
N GLY A 53 21.54 -18.54 15.84
CA GLY A 53 21.79 -19.45 14.74
C GLY A 53 20.68 -19.61 13.72
N VAL A 54 19.66 -18.75 13.74
CA VAL A 54 18.63 -18.75 12.71
C VAL A 54 18.80 -17.44 11.96
N LYS A 55 19.25 -17.53 10.71
CA LYS A 55 19.48 -16.40 9.83
C LYS A 55 18.32 -16.23 8.86
N MET A 56 18.13 -14.99 8.42
CA MET A 56 16.99 -14.63 7.57
C MET A 56 17.43 -14.21 6.18
N THR A 57 16.67 -14.64 5.19
CA THR A 57 16.94 -14.34 3.79
C THR A 57 15.69 -13.70 3.22
N LYS A 58 15.87 -12.71 2.36
CA LYS A 58 14.75 -12.03 1.72
C LYS A 58 15.07 -11.89 0.25
N TYR A 59 14.19 -12.40 -0.60
CA TYR A 59 14.37 -12.41 -2.04
C TYR A 59 13.22 -11.70 -2.76
N HIS A 60 13.55 -11.07 -3.88
CA HIS A 60 12.59 -10.40 -4.75
C HIS A 60 12.09 -11.40 -5.80
N VAL A 61 10.92 -11.11 -6.40
CA VAL A 61 10.31 -12.02 -7.38
C VAL A 61 10.07 -11.29 -8.70
N ASN A 62 9.95 -12.11 -9.76
CA ASN A 62 9.80 -11.57 -11.11
C ASN A 62 8.34 -11.43 -11.53
N PHE A 63 7.40 -12.10 -10.88
CA PHE A 63 6.10 -12.26 -11.49
C PHE A 63 5.18 -11.06 -11.32
N MET A 64 5.65 -9.94 -10.78
CA MET A 64 4.89 -8.70 -10.82
C MET A 64 5.68 -7.62 -11.52
N GLY A 65 4.98 -6.79 -12.31
CA GLY A 65 5.62 -5.63 -12.87
C GLY A 65 6.42 -5.86 -14.13
N GLY A 66 6.28 -7.02 -14.78
CA GLY A 66 6.84 -7.18 -16.11
C GLY A 66 8.33 -6.91 -16.17
N ASP A 67 8.74 -6.13 -17.17
CA ASP A 67 10.16 -5.86 -17.36
C ASP A 67 10.78 -5.19 -16.13
N LEU A 68 10.14 -4.16 -15.61
CA LEU A 68 10.70 -3.48 -14.45
C LEU A 68 10.74 -4.38 -13.23
N GLY A 69 9.78 -5.28 -13.10
CA GLY A 69 9.83 -6.24 -12.00
C GLY A 69 11.10 -7.08 -12.05
N LYS A 70 11.46 -7.54 -13.23
CA LYS A 70 12.69 -8.31 -13.38
C LYS A 70 13.92 -7.43 -13.17
N ASP A 71 13.86 -6.16 -13.61
CA ASP A 71 14.95 -5.25 -13.29
C ASP A 71 15.10 -5.09 -11.77
N LEU A 72 13.99 -5.07 -11.04
CA LEU A 72 14.10 -4.93 -9.60
C LEU A 72 14.66 -6.17 -8.93
N THR A 73 14.44 -7.36 -9.51
CA THR A 73 15.08 -8.55 -8.95
C THR A 73 16.59 -8.45 -9.10
N GLN A 74 17.06 -7.95 -10.24
CA GLN A 74 18.50 -7.76 -10.40
C GLN A 74 19.02 -6.65 -9.50
N ALA A 75 18.25 -5.57 -9.33
CA ALA A 75 18.66 -4.51 -8.40
C ALA A 75 18.73 -5.03 -6.97
N TRP A 76 17.78 -5.89 -6.60
CA TRP A 76 17.82 -6.47 -5.25
C TRP A 76 19.07 -7.35 -5.09
N ALA A 77 19.44 -8.08 -6.15
CA ALA A 77 20.71 -8.80 -6.14
C ALA A 77 21.89 -7.85 -5.91
N VAL A 78 21.89 -6.69 -6.58
CA VAL A 78 22.93 -5.68 -6.32
C VAL A 78 22.91 -5.27 -4.86
N ALA A 79 21.70 -4.98 -4.32
CA ALA A 79 21.60 -4.58 -2.92
C ALA A 79 22.17 -5.64 -1.99
N MET A 80 21.86 -6.91 -2.26
CA MET A 80 22.43 -7.99 -1.44
C MET A 80 23.93 -8.07 -1.58
N ALA A 81 24.44 -7.99 -2.80
CA ALA A 81 25.87 -8.11 -3.02
C ALA A 81 26.65 -7.00 -2.33
N LEU A 82 26.10 -5.79 -2.34
CA LEU A 82 26.76 -4.63 -1.74
C LEU A 82 26.43 -4.46 -0.27
N GLY A 83 25.46 -5.21 0.25
CA GLY A 83 25.00 -5.08 1.62
C GLY A 83 24.29 -3.78 1.92
N VAL A 84 23.55 -3.23 0.97
CA VAL A 84 22.90 -1.94 1.13
C VAL A 84 21.37 -2.07 1.16
N GLU A 85 20.86 -3.26 1.51
CA GLU A 85 19.40 -3.45 1.61
C GLU A 85 18.75 -2.38 2.48
N ASP A 86 19.35 -2.07 3.64
CA ASP A 86 18.75 -1.12 4.58
C ASP A 86 18.85 0.32 4.11
N LYS A 87 19.53 0.59 3.00
CA LYS A 87 19.59 1.93 2.45
C LYS A 87 18.68 2.14 1.26
N VAL A 88 18.27 1.06 0.57
CA VAL A 88 17.52 1.20 -0.67
C VAL A 88 16.10 0.64 -0.58
N THR A 89 15.74 -0.10 0.46
CA THR A 89 14.41 -0.71 0.51
C THR A 89 13.31 0.36 0.54
N VAL A 90 13.44 1.34 1.44
CA VAL A 90 12.41 2.39 1.53
C VAL A 90 12.33 3.19 0.23
N PRO A 91 13.44 3.71 -0.32
CA PRO A 91 13.29 4.49 -1.58
C PRO A 91 12.82 3.66 -2.76
N LEU A 92 13.11 2.36 -2.82
CA LEU A 92 12.59 1.57 -3.93
C LEU A 92 11.08 1.37 -3.79
N PHE A 93 10.60 1.02 -2.58
CA PHE A 93 9.15 0.93 -2.38
C PHE A 93 8.46 2.27 -2.67
N GLU A 94 9.01 3.35 -2.13
CA GLU A 94 8.38 4.66 -2.34
C GLU A 94 8.43 5.05 -3.81
N GLY A 95 9.55 4.79 -4.48
CA GLY A 95 9.65 5.14 -5.88
C GLY A 95 8.66 4.38 -6.75
N VAL A 96 8.42 3.10 -6.46
CA VAL A 96 7.46 2.34 -7.26
C VAL A 96 6.03 2.71 -6.91
N GLN A 97 5.71 2.77 -5.60
CA GLN A 97 4.32 2.81 -5.19
C GLN A 97 3.83 4.16 -4.67
N LYS A 98 4.70 5.00 -4.12
CA LYS A 98 4.26 6.25 -3.54
C LYS A 98 4.39 7.37 -4.56
N THR A 99 5.63 7.69 -4.95
CA THR A 99 5.83 8.75 -5.93
C THR A 99 5.64 8.28 -7.38
N GLN A 100 5.77 6.98 -7.64
CA GLN A 100 5.66 6.43 -9.00
C GLN A 100 6.65 7.13 -9.93
N THR A 101 7.84 7.36 -9.41
CA THR A 101 8.99 7.89 -10.14
C THR A 101 9.95 6.83 -10.66
N ILE A 102 9.77 5.56 -10.31
CA ILE A 102 10.64 4.49 -10.81
C ILE A 102 9.90 3.86 -11.97
N ARG A 103 10.35 4.18 -13.18
CA ARG A 103 9.74 3.72 -14.41
C ARG A 103 10.71 2.96 -15.30
N SER A 104 12.01 3.00 -15.00
CA SER A 104 13.03 2.41 -15.86
C SER A 104 14.20 1.96 -15.00
N ALA A 105 15.10 1.18 -15.62
CA ALA A 105 16.29 0.73 -14.92
C ALA A 105 17.15 1.91 -14.48
N SER A 106 17.18 2.98 -15.28
CA SER A 106 17.95 4.15 -14.87
C SER A 106 17.37 4.77 -13.61
N ASP A 107 16.03 4.77 -13.46
CA ASP A 107 15.42 5.29 -12.24
C ASP A 107 15.75 4.45 -11.03
N ILE A 108 15.86 3.13 -11.21
CA ILE A 108 16.30 2.28 -10.10
C ILE A 108 17.73 2.65 -9.71
N ARG A 109 18.60 2.78 -10.71
CA ARG A 109 19.98 3.18 -10.46
C ARG A 109 20.04 4.49 -9.68
N ASP A 110 19.19 5.46 -10.04
CA ASP A 110 19.19 6.75 -9.34
C ASP A 110 18.97 6.59 -7.84
N VAL A 111 18.14 5.63 -7.44
CA VAL A 111 17.91 5.39 -6.01
C VAL A 111 19.21 4.98 -5.33
N PHE A 112 19.99 4.10 -5.98
CA PHE A 112 21.25 3.69 -5.38
C PHE A 112 22.24 4.85 -5.36
N ILE A 113 22.30 5.65 -6.43
CA ILE A 113 23.20 6.80 -6.45
C ILE A 113 22.84 7.77 -5.33
N ASN A 114 21.55 8.03 -5.15
CA ASN A 114 21.12 8.93 -4.09
C ASN A 114 21.45 8.37 -2.70
N ALA A 115 21.39 7.06 -2.55
CA ALA A 115 21.71 6.42 -1.27
C ALA A 115 23.22 6.36 -1.01
N GLY A 116 24.04 6.86 -1.92
CA GLY A 116 25.47 6.92 -1.70
C GLY A 116 26.31 5.84 -2.33
N ILE A 117 25.73 4.93 -3.10
CA ILE A 117 26.54 3.98 -3.83
C ILE A 117 27.11 4.70 -5.05
N LYS A 118 28.42 4.60 -5.25
CA LYS A 118 29.05 5.27 -6.38
C LYS A 118 28.61 4.62 -7.70
N GLY A 119 28.46 5.45 -8.72
CA GLY A 119 27.95 4.95 -10.00
C GLY A 119 28.78 3.83 -10.60
N GLU A 120 30.11 3.95 -10.54
CA GLU A 120 30.94 2.88 -11.09
C GLU A 120 30.75 1.58 -10.30
N GLU A 121 30.54 1.70 -8.99
CA GLU A 121 30.37 0.52 -8.15
C GLU A 121 29.04 -0.14 -8.41
N TYR A 122 27.99 0.65 -8.53
CA TYR A 122 26.68 0.09 -8.87
C TYR A 122 26.72 -0.60 -10.23
N ASP A 123 27.30 0.08 -11.23
CA ASP A 123 27.35 -0.46 -12.58
C ASP A 123 28.17 -1.75 -12.62
N ALA A 124 29.30 -1.77 -11.93
CA ALA A 124 30.10 -2.99 -11.88
C ALA A 124 29.32 -4.14 -11.26
N ALA A 125 28.63 -3.86 -10.14
CA ALA A 125 27.84 -4.89 -9.49
C ALA A 125 26.70 -5.35 -10.41
N TRP A 126 25.99 -4.39 -11.00
CA TRP A 126 24.85 -4.73 -11.87
C TRP A 126 25.26 -5.72 -12.96
N ASN A 127 26.45 -5.53 -13.52
CA ASN A 127 26.92 -6.33 -14.65
C ASN A 127 27.70 -7.56 -14.24
N SER A 128 27.86 -7.79 -12.93
CA SER A 128 28.76 -8.84 -12.44
C SER A 128 28.10 -10.20 -12.43
N PHE A 129 28.93 -11.23 -12.57
CA PHE A 129 28.48 -12.62 -12.46
C PHE A 129 28.14 -12.99 -11.03
N VAL A 130 28.76 -12.34 -10.04
CA VAL A 130 28.30 -12.52 -8.66
C VAL A 130 26.83 -12.16 -8.56
N VAL A 131 26.43 -11.04 -9.18
CA VAL A 131 25.03 -10.65 -9.15
C VAL A 131 24.17 -11.59 -10.00
N LYS A 132 24.68 -12.05 -11.15
CA LYS A 132 23.91 -13.04 -11.92
C LYS A 132 23.62 -14.28 -11.08
N SER A 133 24.58 -14.69 -10.25
CA SER A 133 24.34 -15.88 -9.42
C SER A 133 23.30 -15.60 -8.35
N LEU A 134 23.30 -14.40 -7.77
CA LEU A 134 22.28 -14.01 -6.81
C LEU A 134 20.89 -13.94 -7.47
N VAL A 135 20.82 -13.49 -8.72
CA VAL A 135 19.54 -13.50 -9.44
C VAL A 135 19.05 -14.94 -9.60
N ALA A 136 19.95 -15.84 -10.01
CA ALA A 136 19.62 -17.26 -10.13
C ALA A 136 19.17 -17.85 -8.80
N GLN A 137 19.85 -17.51 -7.70
CA GLN A 137 19.43 -18.01 -6.40
C GLN A 137 18.01 -17.56 -6.06
N GLN A 138 17.67 -16.30 -6.35
CA GLN A 138 16.32 -15.80 -6.05
C GLN A 138 15.28 -16.56 -6.86
N GLU A 139 15.57 -16.77 -8.14
CA GLU A 139 14.62 -17.49 -8.99
C GLU A 139 14.47 -18.93 -8.55
N LYS A 140 15.58 -19.58 -8.22
CA LYS A 140 15.52 -20.99 -7.82
C LYS A 140 14.74 -21.14 -6.52
N ALA A 141 14.96 -20.25 -5.54
CA ALA A 141 14.24 -20.40 -4.29
C ALA A 141 12.73 -20.28 -4.49
N ALA A 142 12.30 -19.35 -5.35
CA ALA A 142 10.88 -19.21 -5.65
C ALA A 142 10.36 -20.44 -6.35
N ALA A 143 11.14 -20.98 -7.28
CA ALA A 143 10.72 -22.17 -8.00
C ALA A 143 10.60 -23.37 -7.06
N ASP A 144 11.49 -23.47 -6.07
CA ASP A 144 11.49 -24.61 -5.16
C ASP A 144 10.18 -24.72 -4.39
N VAL A 145 9.60 -23.58 -3.99
CA VAL A 145 8.38 -23.58 -3.17
C VAL A 145 7.13 -23.34 -4.02
N GLN A 146 7.26 -23.40 -5.35
CA GLN A 146 6.18 -23.13 -6.30
C GLN A 146 5.42 -21.84 -5.96
N LEU A 147 6.16 -20.73 -5.95
CA LEU A 147 5.62 -19.46 -5.47
C LEU A 147 4.75 -18.74 -6.50
N ARG A 148 3.49 -18.46 -6.14
CA ARG A 148 2.56 -17.72 -6.97
C ARG A 148 2.05 -16.43 -6.33
N GLY A 149 2.49 -16.10 -5.11
CA GLY A 149 2.06 -14.84 -4.54
C GLY A 149 3.03 -14.33 -3.50
N VAL A 150 2.96 -13.02 -3.28
CA VAL A 150 3.73 -12.35 -2.24
C VAL A 150 2.79 -11.43 -1.47
N PRO A 151 3.17 -11.03 -0.24
CA PRO A 151 4.34 -11.51 0.51
C PRO A 151 4.21 -12.97 0.90
N ALA A 152 5.34 -13.61 1.17
CA ALA A 152 5.33 -15.01 1.60
C ALA A 152 6.52 -15.24 2.52
N MET A 153 6.33 -16.12 3.50
CA MET A 153 7.44 -16.45 4.38
C MET A 153 7.41 -17.95 4.60
N PHE A 154 8.60 -18.56 4.54
CA PHE A 154 8.80 -19.99 4.70
C PHE A 154 9.82 -20.21 5.79
N VAL A 155 9.60 -21.25 6.60
CA VAL A 155 10.51 -21.59 7.69
C VAL A 155 11.07 -22.99 7.45
N ASN A 156 12.40 -23.08 7.38
CA ASN A 156 13.15 -24.34 7.22
C ASN A 156 12.70 -25.17 6.03
N GLY A 157 12.29 -24.50 4.95
CA GLY A 157 11.86 -25.18 3.75
C GLY A 157 10.67 -26.11 3.91
N LYS A 158 10.00 -26.03 5.07
CA LYS A 158 8.91 -26.96 5.37
C LYS A 158 7.58 -26.29 5.63
N TYR A 159 7.55 -25.08 6.19
CA TYR A 159 6.32 -24.46 6.63
C TYR A 159 6.17 -23.09 5.99
N GLN A 160 4.94 -22.77 5.60
CA GLN A 160 4.58 -21.47 5.02
C GLN A 160 3.65 -20.74 5.98
N LEU A 161 3.97 -19.49 6.29
CA LEU A 161 3.14 -18.67 7.14
C LEU A 161 1.81 -18.38 6.45
N ASN A 162 0.72 -18.37 7.24
N ASN A 162 0.71 -18.43 7.21
CA ASN A 162 -0.62 -18.10 6.75
CA ASN A 162 -0.61 -18.08 6.69
C ASN A 162 -1.22 -16.96 7.56
C ASN A 162 -1.17 -16.96 7.56
N PRO A 163 -0.95 -15.70 7.18
CA PRO A 163 -1.48 -14.58 7.95
C PRO A 163 -2.95 -14.27 7.71
N GLN A 164 -3.57 -14.88 6.70
CA GLN A 164 -4.89 -14.42 6.26
C GLN A 164 -5.98 -14.52 7.32
N GLY A 165 -5.91 -15.50 8.22
CA GLY A 165 -6.96 -15.56 9.23
C GLY A 165 -6.68 -14.82 10.50
N MET A 166 -5.59 -14.06 10.57
CA MET A 166 -5.18 -13.43 11.81
C MET A 166 -5.90 -12.09 11.98
N ASP A 167 -6.11 -11.69 13.25
CA ASP A 167 -6.79 -10.45 13.57
C ASP A 167 -5.86 -9.29 13.24
N THR A 168 -6.29 -8.40 12.33
CA THR A 168 -5.51 -7.26 11.91
C THR A 168 -6.10 -5.93 12.38
N SER A 169 -6.93 -5.94 13.43
CA SER A 169 -7.45 -4.68 13.94
C SER A 169 -6.38 -3.86 14.65
N ASN A 170 -5.34 -4.53 15.15
CA ASN A 170 -4.24 -3.87 15.84
C ASN A 170 -2.97 -4.32 15.15
N MET A 171 -2.25 -3.36 14.55
CA MET A 171 -1.08 -3.69 13.75
C MET A 171 0.02 -4.34 14.60
N ASP A 172 0.21 -3.83 15.82
CA ASP A 172 1.28 -4.33 16.69
C ASP A 172 0.98 -5.77 17.15
N VAL A 173 -0.29 -6.05 17.45
CA VAL A 173 -0.64 -7.39 17.87
C VAL A 173 -0.48 -8.37 16.71
N PHE A 174 -0.86 -7.94 15.50
CA PHE A 174 -0.68 -8.79 14.33
C PHE A 174 0.80 -9.13 14.11
N VAL A 175 1.66 -8.11 14.18
CA VAL A 175 3.08 -8.33 13.95
C VAL A 175 3.64 -9.30 14.98
N GLN A 176 3.21 -9.15 16.24
CA GLN A 176 3.69 -10.02 17.30
C GLN A 176 3.19 -11.45 17.09
N GLN A 177 1.94 -11.63 16.66
CA GLN A 177 1.46 -12.97 16.36
C GLN A 177 2.27 -13.58 15.23
N TYR A 178 2.53 -12.80 14.19
CA TYR A 178 3.31 -13.28 13.06
C TYR A 178 4.70 -13.70 13.49
N ALA A 179 5.38 -12.85 14.27
CA ALA A 179 6.73 -13.16 14.73
C ALA A 179 6.76 -14.37 15.66
N ASP A 180 5.80 -14.45 16.59
CA ASP A 180 5.73 -15.59 17.50
C ASP A 180 5.44 -16.88 16.73
N THR A 181 4.65 -16.79 15.65
CA THR A 181 4.43 -17.97 14.82
C THR A 181 5.70 -18.41 14.10
N VAL A 182 6.47 -17.45 13.55
CA VAL A 182 7.74 -17.82 12.93
C VAL A 182 8.64 -18.49 13.96
N LYS A 183 8.68 -17.95 15.17
CA LYS A 183 9.51 -18.54 16.23
C LYS A 183 9.07 -19.97 16.52
N TYR A 184 7.77 -20.16 16.71
CA TYR A 184 7.24 -21.51 16.94
C TYR A 184 7.65 -22.45 15.82
N LEU A 185 7.48 -22.00 14.57
CA LEU A 185 7.80 -22.87 13.44
C LEU A 185 9.28 -23.18 13.40
N SER A 186 10.13 -22.21 13.71
N SER A 186 10.13 -22.20 13.72
CA SER A 186 11.57 -22.45 13.71
CA SER A 186 11.57 -22.43 13.72
C SER A 186 12.00 -23.45 14.76
C SER A 186 11.98 -23.48 14.74
N GLU A 187 11.21 -23.63 15.83
CA GLU A 187 11.54 -24.55 16.92
C GLU A 187 10.98 -25.94 16.71
N LYS A 188 10.21 -26.17 15.66
CA LYS A 188 9.63 -27.49 15.41
C LYS A 188 10.72 -28.48 15.00
N ALA B 1 -12.06 15.81 -30.17
CA ALA B 1 -12.16 16.24 -28.76
C ALA B 1 -10.79 16.22 -28.05
N GLN B 2 -10.60 17.04 -27.01
CA GLN B 2 -9.31 16.98 -26.34
C GLN B 2 -9.14 15.68 -25.56
N TYR B 3 -10.23 15.07 -25.13
N TYR B 3 -10.23 15.07 -25.13
CA TYR B 3 -10.17 13.87 -24.30
CA TYR B 3 -10.17 13.87 -24.30
C TYR B 3 -10.87 12.72 -24.99
C TYR B 3 -10.87 12.72 -24.99
N GLU B 4 -10.28 11.53 -24.88
CA GLU B 4 -10.68 10.35 -25.62
C GLU B 4 -11.05 9.22 -24.67
N ASP B 5 -12.22 8.64 -24.88
CA ASP B 5 -12.64 7.50 -24.08
C ASP B 5 -11.62 6.38 -24.22
N GLY B 6 -11.14 5.88 -23.10
CA GLY B 6 -10.10 4.88 -23.08
C GLY B 6 -8.70 5.43 -22.85
N LYS B 7 -8.50 6.74 -22.96
CA LYS B 7 -7.18 7.29 -22.73
C LYS B 7 -7.13 8.00 -21.37
N GLN B 8 -7.62 9.23 -21.29
CA GLN B 8 -7.62 9.95 -20.03
C GLN B 8 -8.73 9.52 -19.09
N TYR B 9 -9.73 8.82 -19.61
CA TYR B 9 -10.82 8.34 -18.79
C TYR B 9 -11.40 7.08 -19.41
N THR B 10 -12.20 6.36 -18.62
CA THR B 10 -12.98 5.23 -19.13
C THR B 10 -14.43 5.44 -18.74
N THR B 11 -15.31 4.74 -19.46
CA THR B 11 -16.76 4.81 -19.25
C THR B 11 -17.25 3.55 -18.56
N LEU B 12 -17.98 3.73 -17.47
CA LEU B 12 -18.51 2.59 -16.72
C LEU B 12 -19.58 1.86 -17.51
N GLU B 13 -19.47 0.53 -17.58
CA GLU B 13 -20.48 -0.26 -18.27
C GLU B 13 -21.87 -0.04 -17.66
N LYS B 14 -21.94 0.03 -16.32
CA LYS B 14 -23.21 0.19 -15.60
C LYS B 14 -23.15 1.47 -14.78
N PRO B 15 -23.57 2.60 -15.35
CA PRO B 15 -23.56 3.86 -14.61
C PRO B 15 -24.32 3.75 -13.30
N VAL B 16 -23.87 4.53 -12.31
CA VAL B 16 -24.42 4.51 -10.96
C VAL B 16 -25.40 5.67 -10.84
N ALA B 17 -26.65 5.37 -10.59
CA ALA B 17 -27.65 6.42 -10.47
C ALA B 17 -27.51 7.11 -9.11
N GLY B 18 -27.74 8.41 -9.09
CA GLY B 18 -27.67 9.17 -7.85
C GLY B 18 -26.28 9.39 -7.31
N ALA B 19 -25.25 9.15 -8.11
CA ALA B 19 -23.89 9.27 -7.61
C ALA B 19 -23.53 10.75 -7.44
N PRO B 20 -22.53 11.05 -6.60
CA PRO B 20 -22.03 12.42 -6.52
C PRO B 20 -21.47 12.89 -7.85
N GLN B 21 -21.50 14.20 -8.07
CA GLN B 21 -20.96 14.74 -9.31
C GLN B 21 -19.49 14.40 -9.49
N VAL B 22 -18.68 14.61 -8.46
CA VAL B 22 -17.26 14.27 -8.51
C VAL B 22 -16.91 13.51 -7.24
N LEU B 23 -16.52 12.24 -7.39
CA LEU B 23 -16.31 11.35 -6.26
C LEU B 23 -14.92 10.76 -6.29
N GLU B 24 -14.12 11.10 -5.28
N GLU B 24 -14.12 11.12 -5.29
CA GLU B 24 -12.77 10.59 -5.11
CA GLU B 24 -12.78 10.58 -5.08
C GLU B 24 -12.76 9.52 -4.02
C GLU B 24 -12.83 9.47 -4.05
N PHE B 25 -12.07 8.41 -4.29
CA PHE B 25 -11.86 7.36 -3.30
C PHE B 25 -10.39 7.32 -2.89
N PHE B 26 -10.13 7.07 -1.61
CA PHE B 26 -8.76 6.97 -1.14
C PHE B 26 -8.72 6.05 0.09
N SER B 27 -7.51 5.74 0.53
CA SER B 27 -7.29 5.08 1.81
C SER B 27 -6.12 5.75 2.52
N PHE B 28 -6.22 5.88 3.85
CA PHE B 28 -5.08 6.39 4.60
C PHE B 28 -3.88 5.43 4.63
N PHE B 29 -4.07 4.19 4.21
CA PHE B 29 -2.98 3.23 4.04
C PHE B 29 -2.32 3.30 2.67
N CYS B 30 -2.89 4.07 1.75
CA CYS B 30 -2.53 4.03 0.36
C CYS B 30 -1.39 5.02 0.11
N PRO B 31 -0.19 4.57 -0.26
CA PRO B 31 0.92 5.52 -0.41
C PRO B 31 0.70 6.50 -1.55
N HIS B 32 0.18 6.07 -2.69
CA HIS B 32 -0.01 7.05 -3.76
C HIS B 32 -1.13 8.02 -3.40
N CYS B 33 -2.09 7.59 -2.56
CA CYS B 33 -3.11 8.52 -2.06
C CYS B 33 -2.47 9.59 -1.18
N TYR B 34 -1.49 9.19 -0.38
CA TYR B 34 -0.74 10.15 0.40
C TYR B 34 -0.03 11.14 -0.53
N GLN B 35 0.58 10.63 -1.60
CA GLN B 35 1.20 11.49 -2.61
C GLN B 35 0.20 12.45 -3.23
N PHE B 36 -1.00 11.96 -3.57
CA PHE B 36 -2.06 12.81 -4.14
C PHE B 36 -2.39 13.97 -3.20
N GLU B 37 -2.39 13.71 -1.90
CA GLU B 37 -2.81 14.70 -0.91
C GLU B 37 -1.69 15.66 -0.55
N GLU B 38 -0.51 15.14 -0.22
N GLU B 38 -0.51 15.14 -0.22
CA GLU B 38 0.51 15.98 0.36
CA GLU B 38 0.53 15.95 0.38
C GLU B 38 1.43 16.64 -0.66
C GLU B 38 1.44 16.63 -0.64
N VAL B 39 1.60 16.07 -1.84
CA VAL B 39 2.56 16.57 -2.82
C VAL B 39 1.87 17.13 -4.06
N LEU B 40 0.97 16.34 -4.66
CA LEU B 40 0.37 16.75 -5.93
C LEU B 40 -0.83 17.66 -5.73
N HIS B 41 -1.48 17.59 -4.58
CA HIS B 41 -2.69 18.37 -4.30
C HIS B 41 -3.73 18.17 -5.41
N ILE B 42 -4.02 16.91 -5.74
CA ILE B 42 -4.95 16.60 -6.82
C ILE B 42 -6.33 17.22 -6.55
N SER B 43 -6.88 16.99 -5.35
CA SER B 43 -8.22 17.49 -5.03
C SER B 43 -8.28 19.00 -5.16
N ASP B 44 -7.30 19.71 -4.61
CA ASP B 44 -7.30 21.16 -4.69
C ASP B 44 -7.24 21.63 -6.14
N ASN B 45 -6.41 20.98 -6.96
CA ASN B 45 -6.28 21.46 -8.33
C ASN B 45 -7.53 21.12 -9.13
N VAL B 46 -8.15 19.98 -8.86
CA VAL B 46 -9.43 19.68 -9.48
C VAL B 46 -10.47 20.73 -9.09
N LYS B 47 -10.53 21.08 -7.80
CA LYS B 47 -11.50 22.05 -7.31
C LYS B 47 -11.35 23.39 -8.01
N LYS B 48 -10.10 23.84 -8.23
CA LYS B 48 -9.87 25.15 -8.83
C LYS B 48 -10.41 25.24 -10.24
N LYS B 49 -10.58 24.10 -10.92
CA LYS B 49 -11.03 24.11 -12.31
C LYS B 49 -12.49 23.70 -12.51
N LEU B 50 -13.20 23.45 -11.47
CA LEU B 50 -14.52 22.88 -11.66
C LEU B 50 -15.56 23.97 -11.91
N PRO B 51 -16.62 23.63 -12.64
CA PRO B 51 -17.67 24.61 -12.94
C PRO B 51 -18.38 25.06 -11.67
N GLU B 52 -19.24 26.08 -11.83
CA GLU B 52 -19.87 26.73 -10.68
C GLU B 52 -20.67 25.76 -9.82
N GLY B 53 -21.54 24.96 -10.42
CA GLY B 53 -22.42 24.10 -9.64
C GLY B 53 -21.91 22.73 -9.23
N VAL B 54 -20.60 22.50 -9.25
CA VAL B 54 -20.02 21.18 -9.05
C VAL B 54 -19.31 21.08 -7.70
N LYS B 55 -19.81 20.20 -6.84
CA LYS B 55 -19.26 19.90 -5.53
C LYS B 55 -18.40 18.64 -5.61
N MET B 56 -17.42 18.54 -4.71
CA MET B 56 -16.53 17.39 -4.70
C MET B 56 -16.81 16.57 -3.46
N THR B 57 -16.79 15.25 -3.61
CA THR B 57 -17.03 14.31 -2.53
C THR B 57 -15.84 13.37 -2.43
N LYS B 58 -15.47 12.99 -1.22
CA LYS B 58 -14.32 12.10 -1.05
C LYS B 58 -14.67 11.05 -0.02
N TYR B 59 -14.49 9.78 -0.39
CA TYR B 59 -14.83 8.64 0.45
C TYR B 59 -13.59 7.79 0.70
N HIS B 60 -13.55 7.20 1.89
CA HIS B 60 -12.51 6.26 2.27
C HIS B 60 -12.97 4.83 1.94
N VAL B 61 -11.98 3.93 1.78
CA VAL B 61 -12.27 2.54 1.41
C VAL B 61 -11.75 1.58 2.48
N ASN B 62 -12.33 0.38 2.51
CA ASN B 62 -12.02 -0.58 3.57
C ASN B 62 -10.87 -1.51 3.22
N PHE B 63 -10.56 -1.68 1.93
CA PHE B 63 -9.79 -2.83 1.47
C PHE B 63 -8.29 -2.68 1.56
N MET B 64 -7.79 -1.63 2.21
CA MET B 64 -6.38 -1.53 2.53
C MET B 64 -6.22 -1.46 4.05
N GLY B 65 -5.13 -2.02 4.57
CA GLY B 65 -4.88 -1.91 6.00
C GLY B 65 -5.55 -2.96 6.84
N GLY B 66 -5.97 -4.05 6.23
CA GLY B 66 -6.58 -5.12 7.01
C GLY B 66 -7.83 -4.64 7.72
N ASP B 67 -8.09 -5.23 8.88
N ASP B 67 -8.09 -5.23 8.88
CA ASP B 67 -9.31 -4.91 9.62
CA ASP B 67 -9.31 -4.91 9.62
C ASP B 67 -9.32 -3.48 10.16
N LEU B 68 -8.15 -2.85 10.33
CA LEU B 68 -8.06 -1.46 10.79
C LEU B 68 -8.51 -0.47 9.71
N GLY B 69 -8.41 -0.89 8.43
CA GLY B 69 -8.93 -0.06 7.35
C GLY B 69 -10.38 0.33 7.58
N LYS B 70 -11.20 -0.61 8.07
CA LYS B 70 -12.60 -0.31 8.32
C LYS B 70 -12.75 0.78 9.38
N ASP B 71 -11.92 0.73 10.43
CA ASP B 71 -11.97 1.79 11.43
C ASP B 71 -11.61 3.14 10.84
N LEU B 72 -10.69 3.19 9.87
CA LEU B 72 -10.38 4.48 9.25
C LEU B 72 -11.52 4.97 8.37
N THR B 73 -12.28 4.06 7.75
CA THR B 73 -13.48 4.48 7.03
C THR B 73 -14.50 5.11 7.98
N GLN B 74 -14.65 4.53 9.16
CA GLN B 74 -15.54 5.14 10.15
C GLN B 74 -14.96 6.46 10.65
N ALA B 75 -13.64 6.53 10.83
CA ALA B 75 -13.03 7.78 11.25
C ALA B 75 -13.21 8.87 10.20
N TRP B 76 -13.12 8.51 8.92
CA TRP B 76 -13.36 9.46 7.86
C TRP B 76 -14.82 9.94 7.87
N ALA B 77 -15.76 9.02 8.16
CA ALA B 77 -17.15 9.42 8.35
C ALA B 77 -17.27 10.44 9.48
N VAL B 78 -16.56 10.21 10.59
CA VAL B 78 -16.57 11.18 11.68
C VAL B 78 -16.04 12.53 11.20
N ALA B 79 -14.93 12.52 10.44
CA ALA B 79 -14.35 13.76 9.91
C ALA B 79 -15.36 14.52 9.04
N MET B 80 -16.06 13.80 8.18
CA MET B 80 -17.09 14.42 7.34
C MET B 80 -18.23 14.96 8.19
N ALA B 81 -18.70 14.17 9.15
CA ALA B 81 -19.82 14.56 9.99
C ALA B 81 -19.51 15.82 10.81
N LEU B 82 -18.27 15.93 11.30
CA LEU B 82 -17.83 17.07 12.10
C LEU B 82 -17.34 18.23 11.26
N GLY B 83 -17.13 18.01 9.96
CA GLY B 83 -16.59 19.04 9.09
C GLY B 83 -15.16 19.41 9.38
N VAL B 84 -14.34 18.45 9.79
CA VAL B 84 -12.95 18.71 10.15
C VAL B 84 -11.97 18.00 9.20
N GLU B 85 -12.42 17.69 7.98
CA GLU B 85 -11.53 17.00 7.03
C GLU B 85 -10.19 17.70 6.91
N ASP B 86 -10.21 19.03 6.76
CA ASP B 86 -8.96 19.75 6.52
C ASP B 86 -8.12 19.91 7.78
N LYS B 87 -8.60 19.45 8.93
CA LYS B 87 -7.80 19.43 10.14
C LYS B 87 -7.18 18.07 10.44
N VAL B 88 -7.71 16.97 9.87
CA VAL B 88 -7.23 15.64 10.22
C VAL B 88 -6.69 14.82 9.05
N THR B 89 -6.83 15.26 7.79
CA THR B 89 -6.43 14.40 6.68
C THR B 89 -4.93 14.14 6.66
N VAL B 90 -4.13 15.20 6.69
CA VAL B 90 -2.68 15.02 6.73
C VAL B 90 -2.25 14.34 8.04
N PRO B 91 -2.74 14.76 9.21
CA PRO B 91 -2.36 14.03 10.43
C PRO B 91 -2.74 12.54 10.41
N LEU B 92 -3.84 12.16 9.73
CA LEU B 92 -4.17 10.73 9.65
C LEU B 92 -3.21 10.00 8.70
N PHE B 93 -2.93 10.59 7.53
CA PHE B 93 -1.91 10.01 6.66
C PHE B 93 -0.60 9.86 7.40
N GLU B 94 -0.19 10.92 8.11
CA GLU B 94 1.07 10.86 8.83
C GLU B 94 1.04 9.80 9.91
N GLY B 95 -0.08 9.73 10.64
CA GLY B 95 -0.18 8.77 11.72
C GLY B 95 -0.09 7.33 11.23
N VAL B 96 -0.69 7.06 10.08
CA VAL B 96 -0.65 5.69 9.57
C VAL B 96 0.70 5.39 8.93
N GLN B 97 1.19 6.29 8.06
CA GLN B 97 2.32 5.95 7.21
C GLN B 97 3.64 6.59 7.61
N LYS B 98 3.64 7.77 8.26
CA LYS B 98 4.87 8.51 8.51
C LYS B 98 5.37 8.32 9.94
N THR B 99 4.64 8.88 10.91
CA THR B 99 5.02 8.71 12.31
C THR B 99 4.63 7.34 12.82
N GLN B 100 3.63 6.72 12.17
CA GLN B 100 3.16 5.39 12.53
C GLN B 100 2.74 5.31 14.00
N THR B 101 2.02 6.33 14.44
CA THR B 101 1.38 6.35 15.74
C THR B 101 -0.02 5.78 15.70
N ILE B 102 -0.58 5.51 14.51
CA ILE B 102 -1.90 4.92 14.39
C ILE B 102 -1.73 3.43 14.17
N ARG B 103 -1.98 2.64 15.22
CA ARG B 103 -1.85 1.20 15.15
C ARG B 103 -3.14 0.48 15.47
N SER B 104 -4.12 1.17 16.07
CA SER B 104 -5.43 0.61 16.35
C SER B 104 -6.42 1.76 16.44
N ALA B 105 -7.72 1.42 16.56
CA ALA B 105 -8.75 2.46 16.51
C ALA B 105 -8.56 3.54 17.56
N SER B 106 -8.04 3.19 18.74
N SER B 106 -8.04 3.19 18.75
CA SER B 106 -7.88 4.19 19.79
CA SER B 106 -7.90 4.21 19.79
C SER B 106 -6.89 5.28 19.41
C SER B 106 -6.89 5.29 19.40
N ASP B 107 -5.88 4.94 18.61
CA ASP B 107 -4.91 5.94 18.18
C ASP B 107 -5.55 6.97 17.25
N ILE B 108 -6.59 6.55 16.51
CA ILE B 108 -7.27 7.49 15.63
C ILE B 108 -7.90 8.60 16.44
N ARG B 109 -8.57 8.22 17.53
CA ARG B 109 -9.21 9.19 18.41
C ARG B 109 -8.24 10.27 18.87
N ASP B 110 -7.01 9.85 19.21
CA ASP B 110 -6.01 10.81 19.67
C ASP B 110 -5.72 11.87 18.62
N VAL B 111 -5.73 11.50 17.34
CA VAL B 111 -5.48 12.48 16.28
C VAL B 111 -6.56 13.56 16.29
N PHE B 112 -7.82 13.16 16.47
CA PHE B 112 -8.89 14.15 16.52
C PHE B 112 -8.79 15.01 17.78
N ILE B 113 -8.48 14.40 18.92
CA ILE B 113 -8.35 15.15 20.16
C ILE B 113 -7.20 16.16 20.04
N ASN B 114 -6.09 15.73 19.43
N ASN B 114 -6.09 15.71 19.43
CA ASN B 114 -4.96 16.63 19.28
CA ASN B 114 -4.93 16.58 19.23
C ASN B 114 -5.24 17.75 18.28
C ASN B 114 -5.29 17.76 18.33
N ALA B 115 -6.22 17.59 17.41
CA ALA B 115 -6.68 18.67 16.53
C ALA B 115 -7.69 19.57 17.21
N GLY B 116 -8.06 19.30 18.45
CA GLY B 116 -8.96 20.15 19.20
C GLY B 116 -10.40 19.67 19.30
N ILE B 117 -10.74 18.51 18.76
CA ILE B 117 -12.07 17.94 18.94
C ILE B 117 -12.17 17.36 20.34
N LYS B 118 -13.27 17.65 21.05
CA LYS B 118 -13.44 17.06 22.38
C LYS B 118 -13.66 15.56 22.27
N GLY B 119 -13.07 14.80 23.20
CA GLY B 119 -13.20 13.36 23.15
C GLY B 119 -14.64 12.89 23.20
N GLU B 120 -15.45 13.48 24.09
CA GLU B 120 -16.85 13.10 24.20
CA GLU B 120 -16.85 13.09 24.19
C GLU B 120 -17.60 13.38 22.90
N GLU B 121 -17.21 14.46 22.18
CA GLU B 121 -17.85 14.76 20.92
C GLU B 121 -17.39 13.79 19.82
N TYR B 122 -16.10 13.45 19.79
CA TYR B 122 -15.65 12.42 18.88
C TYR B 122 -16.41 11.11 19.12
N ASP B 123 -16.54 10.71 20.38
CA ASP B 123 -17.21 9.45 20.69
C ASP B 123 -18.69 9.50 20.28
N ALA B 124 -19.36 10.61 20.58
CA ALA B 124 -20.75 10.75 20.17
C ALA B 124 -20.89 10.67 18.66
N ALA B 125 -19.99 11.33 17.92
CA ALA B 125 -20.04 11.24 16.45
C ALA B 125 -19.78 9.82 16.00
N TRP B 126 -18.76 9.16 16.59
CA TRP B 126 -18.40 7.81 16.20
C TRP B 126 -19.61 6.88 16.27
N ASN B 127 -20.43 7.03 17.31
CA ASN B 127 -21.57 6.15 17.55
C ASN B 127 -22.87 6.66 16.95
N SER B 128 -22.82 7.72 16.16
CA SER B 128 -24.01 8.43 15.71
C SER B 128 -24.68 7.75 14.52
N PHE B 129 -25.97 8.06 14.35
CA PHE B 129 -26.68 7.56 13.16
C PHE B 129 -26.14 8.20 11.89
N VAL B 130 -25.75 9.47 11.95
CA VAL B 130 -25.16 10.11 10.77
C VAL B 130 -23.92 9.34 10.32
N VAL B 131 -23.05 8.98 11.26
CA VAL B 131 -21.81 8.31 10.89
C VAL B 131 -22.08 6.88 10.42
N LYS B 132 -23.00 6.17 11.09
CA LYS B 132 -23.39 4.85 10.62
C LYS B 132 -23.86 4.93 9.18
N SER B 133 -24.67 5.94 8.87
N SER B 133 -24.66 5.94 8.86
CA SER B 133 -25.18 6.09 7.50
CA SER B 133 -25.17 6.10 7.49
C SER B 133 -24.07 6.44 6.52
C SER B 133 -24.05 6.43 6.52
N LEU B 134 -23.11 7.27 6.93
CA LEU B 134 -21.99 7.63 6.05
C LEU B 134 -21.08 6.44 5.78
N VAL B 135 -20.89 5.58 6.78
CA VAL B 135 -20.11 4.37 6.54
C VAL B 135 -20.81 3.50 5.49
N ALA B 136 -22.12 3.30 5.64
CA ALA B 136 -22.87 2.54 4.65
C ALA B 136 -22.77 3.18 3.27
N GLN B 137 -22.85 4.51 3.20
N GLN B 137 -22.85 4.50 3.21
CA GLN B 137 -22.81 5.20 1.90
CA GLN B 137 -22.79 5.21 1.93
C GLN B 137 -21.44 5.01 1.24
C GLN B 137 -21.45 5.02 1.25
N GLN B 138 -20.37 5.13 2.02
CA GLN B 138 -19.04 4.95 1.44
C GLN B 138 -18.86 3.54 0.90
N GLU B 139 -19.33 2.53 1.66
CA GLU B 139 -19.20 1.15 1.24
C GLU B 139 -20.02 0.87 0.00
N LYS B 140 -21.27 1.37 -0.04
CA LYS B 140 -22.11 1.15 -1.20
C LYS B 140 -21.53 1.80 -2.44
N ALA B 141 -20.99 3.02 -2.31
CA ALA B 141 -20.44 3.71 -3.47
C ALA B 141 -19.29 2.92 -4.08
N ALA B 142 -18.42 2.35 -3.24
CA ALA B 142 -17.32 1.52 -3.74
C ALA B 142 -17.87 0.25 -4.42
N ALA B 143 -18.88 -0.38 -3.83
CA ALA B 143 -19.48 -1.56 -4.43
C ALA B 143 -20.13 -1.23 -5.75
N ASP B 144 -20.79 -0.08 -5.84
CA ASP B 144 -21.51 0.31 -7.04
C ASP B 144 -20.58 0.44 -8.25
N VAL B 145 -19.35 0.90 -8.06
CA VAL B 145 -18.42 1.05 -9.18
C VAL B 145 -17.45 -0.11 -9.27
N GLN B 146 -17.69 -1.17 -8.50
CA GLN B 146 -16.81 -2.34 -8.44
C GLN B 146 -15.36 -1.90 -8.30
N LEU B 147 -15.12 -1.15 -7.22
CA LEU B 147 -13.84 -0.51 -7.01
C LEU B 147 -12.79 -1.54 -6.61
N ARG B 148 -11.67 -1.56 -7.34
CA ARG B 148 -10.61 -2.50 -7.03
C ARG B 148 -9.30 -1.84 -6.60
N GLY B 149 -9.23 -0.51 -6.57
CA GLY B 149 -8.00 0.13 -6.16
C GLY B 149 -8.21 1.60 -5.88
N VAL B 150 -7.26 2.18 -5.17
CA VAL B 150 -7.23 3.62 -4.96
C VAL B 150 -5.83 4.13 -5.26
N PRO B 151 -5.67 5.44 -5.52
CA PRO B 151 -6.72 6.44 -5.67
C PRO B 151 -7.60 6.18 -6.89
N ALA B 152 -8.81 6.74 -6.86
CA ALA B 152 -9.73 6.65 -7.97
C ALA B 152 -10.63 7.87 -7.95
N MET B 153 -11.09 8.26 -9.13
CA MET B 153 -12.06 9.35 -9.21
C MET B 153 -13.11 9.02 -10.26
N PHE B 154 -14.37 9.34 -9.94
CA PHE B 154 -15.51 9.12 -10.82
C PHE B 154 -16.27 10.43 -11.00
N VAL B 155 -16.81 10.64 -12.20
CA VAL B 155 -17.59 11.83 -12.50
C VAL B 155 -19.00 11.37 -12.82
N ASN B 156 -19.98 11.87 -12.06
CA ASN B 156 -21.41 11.60 -12.27
C ASN B 156 -21.73 10.12 -12.35
N GLY B 157 -20.97 9.30 -11.63
CA GLY B 157 -21.19 7.86 -11.61
C GLY B 157 -21.03 7.17 -12.95
N LYS B 158 -20.48 7.88 -13.94
CA LYS B 158 -20.40 7.37 -15.30
C LYS B 158 -18.98 7.24 -15.84
N TYR B 159 -18.06 8.10 -15.43
CA TYR B 159 -16.74 8.16 -16.02
C TYR B 159 -15.70 7.98 -14.94
N GLN B 160 -14.65 7.21 -15.25
CA GLN B 160 -13.59 6.94 -14.30
C GLN B 160 -12.31 7.56 -14.84
N LEU B 161 -11.63 8.35 -14.01
CA LEU B 161 -10.37 8.96 -14.45
C LEU B 161 -9.33 7.87 -14.67
N ASN B 162 -8.47 8.06 -15.68
CA ASN B 162 -7.47 7.07 -16.04
C ASN B 162 -6.11 7.76 -16.09
N PRO B 163 -5.51 8.05 -14.93
CA PRO B 163 -4.21 8.73 -14.95
C PRO B 163 -3.12 7.93 -15.64
N GLN B 164 -3.31 6.61 -15.80
CA GLN B 164 -2.32 5.80 -16.52
C GLN B 164 -2.27 6.20 -17.99
N GLY B 165 -3.36 6.73 -18.52
CA GLY B 165 -3.38 7.23 -19.87
C GLY B 165 -3.00 8.68 -20.04
N MET B 166 -2.60 9.33 -18.96
CA MET B 166 -2.15 10.71 -18.94
C MET B 166 -0.63 10.80 -19.02
N ASP B 167 -0.16 11.97 -19.41
CA ASP B 167 1.27 12.21 -19.50
C ASP B 167 1.80 12.47 -18.09
N THR B 168 2.64 11.58 -17.59
CA THR B 168 3.20 11.71 -16.24
C THR B 168 4.68 12.06 -16.27
N SER B 169 5.17 12.59 -17.39
CA SER B 169 6.57 12.98 -17.44
C SER B 169 6.83 14.25 -16.63
N ASN B 170 5.83 15.12 -16.51
CA ASN B 170 5.96 16.40 -15.81
C ASN B 170 4.79 16.48 -14.85
N MET B 171 5.09 16.51 -13.54
CA MET B 171 4.03 16.41 -12.55
C MET B 171 3.09 17.60 -12.60
N ASP B 172 3.62 18.81 -12.82
CA ASP B 172 2.75 19.98 -12.85
C ASP B 172 1.79 19.91 -14.03
N VAL B 173 2.27 19.42 -15.18
CA VAL B 173 1.40 19.31 -16.35
C VAL B 173 0.40 18.17 -16.15
N PHE B 174 0.84 17.08 -15.53
CA PHE B 174 -0.05 15.97 -15.21
C PHE B 174 -1.19 16.45 -14.32
N VAL B 175 -0.85 17.21 -13.27
CA VAL B 175 -1.89 17.63 -12.33
C VAL B 175 -2.94 18.47 -13.05
N GLN B 176 -2.51 19.39 -13.92
CA GLN B 176 -3.51 20.17 -14.66
C GLN B 176 -4.25 19.33 -15.68
N GLN B 177 -3.58 18.35 -16.31
CA GLN B 177 -4.30 17.46 -17.22
C GLN B 177 -5.38 16.69 -16.49
N TYR B 178 -5.07 16.19 -15.30
CA TYR B 178 -6.05 15.46 -14.51
C TYR B 178 -7.22 16.38 -14.16
N ALA B 179 -6.92 17.59 -13.68
CA ALA B 179 -7.96 18.54 -13.32
C ALA B 179 -8.78 18.94 -14.53
N ASP B 180 -8.13 19.17 -15.67
CA ASP B 180 -8.85 19.54 -16.88
C ASP B 180 -9.73 18.39 -17.39
N THR B 181 -9.31 17.15 -17.18
CA THR B 181 -10.16 16.00 -17.57
C THR B 181 -11.43 15.95 -16.72
N VAL B 182 -11.29 16.17 -15.41
CA VAL B 182 -12.48 16.24 -14.56
C VAL B 182 -13.43 17.34 -15.02
N LYS B 183 -12.89 18.51 -15.36
CA LYS B 183 -13.73 19.61 -15.80
C LYS B 183 -14.49 19.23 -17.05
N TYR B 184 -13.78 18.66 -18.02
CA TYR B 184 -14.37 18.18 -19.27
C TYR B 184 -15.51 17.21 -18.98
N LEU B 185 -15.26 16.20 -18.15
CA LEU B 185 -16.26 15.19 -17.87
C LEU B 185 -17.45 15.76 -17.11
N SER B 186 -17.21 16.72 -16.23
CA SER B 186 -18.32 17.31 -15.49
C SER B 186 -19.25 18.07 -16.42
N GLU B 187 -18.72 18.60 -17.53
CA GLU B 187 -19.50 19.33 -18.51
C GLU B 187 -20.22 18.42 -19.49
N LYS B 188 -19.94 17.12 -19.47
CA LYS B 188 -20.51 16.18 -20.43
C LYS B 188 -21.99 15.94 -20.17
N Q3F C . 22.42 0.19 -15.26
C Q3F C . 23.75 0.01 -15.85
C1 Q3F C . 21.83 -0.59 -14.33
C2 Q3F C . 20.64 0.02 -14.02
C3 Q3F C . 20.59 1.15 -14.85
N1 Q3F C . 21.67 1.26 -15.61
N2 Q3F C . 19.73 -0.39 -13.04
N Q3F D . 0.96 -16.10 -1.32
C Q3F D . 2.02 -17.10 -1.30
C1 Q3F D . -0.24 -16.20 -1.90
C2 Q3F D . -0.87 -14.99 -1.71
C3 Q3F D . 0.05 -14.22 -1.00
N1 Q3F D . 1.17 -14.89 -0.75
N2 Q3F D . -2.10 -14.62 -2.12
CU CU E . -10.12 14.88 -30.30
N Q3F F . -7.85 1.56 -9.18
C Q3F F . -9.25 1.93 -9.34
C1 Q3F F . -6.86 2.31 -8.68
C2 Q3F F . -5.74 1.51 -8.64
C3 Q3F F . -6.15 0.29 -9.17
N1 Q3F F . -7.44 0.31 -9.50
N2 Q3F F . -4.50 1.80 -8.18
#